data_2A4G
#
_entry.id   2A4G
#
_cell.length_a   224.392
_cell.length_b   224.392
_cell.length_c   75.334
_cell.angle_alpha   90.00
_cell.angle_beta   90.00
_cell.angle_gamma   120.00
#
_symmetry.space_group_name_H-M   'H 3 2'
#
loop_
_entity.id
_entity.type
_entity.pdbx_description
1 polymer 'NS3 protease/helicase'
2 polymer 'NS4a peptide'
3 non-polymer 'ZINC ION'
4 non-polymer '({1-[1-CARBAMOYL-PHENYL-METHYL)-CARBAMOYL]-METHYL}-AMINOOXALYL)-BUTYLCARBAMOYL)-3-METHYL-BUTYLCARBAMOYL)-CYCLOHEXYL-METHYL)-CARBAMIC ACID ISOBUTYL ESTER'
5 water water
#
loop_
_entity_poly.entity_id
_entity_poly.type
_entity_poly.pdbx_seq_one_letter_code
_entity_poly.pdbx_strand_id
1 'polypeptide(L)'
;MASMTGGQQMGAPITAYAQQTRGLLGCIITSLTGRDKNQVEGEVQIVSTATQTFLATCINGVCWTVYHGAGTRTIASPKG
PVIQMYTNVDQDLVGWPAPQGSRSLTPCTCGSSDLYLVTRHADVIPVRRRGDSRGSLLSPRPISYLKGSSGGPLLCPAGH
AVGLFRAAVCTRGVAKAVDFIPVENLETTMRSGSHHHHHH
;
A,C
2 'polypeptide(L)' KKGSVVIVGRIVLSGKPAIIPKK B,D
#
loop_
_chem_comp.id
_chem_comp.type
_chem_comp.name
_chem_comp.formula
UNH non-polymer '({1-[1-CARBAMOYL-PHENYL-METHYL)-CARBAMOYL]-METHYL}-AMINOOXALYL)-BUTYLCARBAMOYL)-3-METHYL-BUTYLCARBAMOYL)-CYCLOHEXYL-METHYL)-CARBAMIC ACID ISOBUTYL ESTER' 'C35 H54 N6 O8'
ZN non-polymer 'ZINC ION' 'Zn 2'
#
# COMPACT_ATOMS: atom_id res chain seq x y z
N ALA A 12 -4.99 2.65 -11.10
CA ALA A 12 -5.15 2.95 -9.65
C ALA A 12 -3.78 2.71 -9.01
N PRO A 13 -3.56 3.28 -7.80
CA PRO A 13 -2.29 3.13 -7.10
C PRO A 13 -2.16 1.78 -6.40
N ILE A 14 -0.93 1.40 -6.09
CA ILE A 14 -0.65 0.16 -5.39
C ILE A 14 -0.88 0.41 -3.89
N THR A 15 -1.87 -0.27 -3.33
CA THR A 15 -2.17 -0.18 -1.92
C THR A 15 -2.20 -1.62 -1.42
N ALA A 16 -1.81 -1.84 -0.17
CA ALA A 16 -1.80 -3.20 0.38
C ALA A 16 -2.21 -3.21 1.83
N TYR A 17 -2.79 -4.32 2.27
CA TYR A 17 -3.15 -4.45 3.68
C TYR A 17 -2.77 -5.84 4.13
N ALA A 18 -2.43 -5.97 5.40
CA ALA A 18 -2.03 -7.24 5.96
C ALA A 18 -3.03 -7.73 7.00
N GLN A 19 -3.15 -9.04 7.13
CA GLN A 19 -4.05 -9.66 8.11
C GLN A 19 -3.33 -10.87 8.67
N GLN A 20 -3.21 -10.94 10.00
CA GLN A 20 -2.57 -12.08 10.63
C GLN A 20 -3.62 -13.18 10.72
N THR A 21 -3.28 -14.38 10.26
CA THR A 21 -4.23 -15.49 10.29
C THR A 21 -4.00 -16.50 11.41
N ARG A 22 -2.80 -16.53 12.00
CA ARG A 22 -2.56 -17.43 13.11
C ARG A 22 -1.39 -17.07 14.00
N GLY A 23 -1.49 -17.48 15.26
CA GLY A 23 -0.47 -17.19 16.25
C GLY A 23 0.66 -18.18 16.38
N LEU A 24 1.58 -17.90 17.29
CA LEU A 24 2.75 -18.74 17.51
C LEU A 24 2.45 -20.21 17.76
N LEU A 25 1.53 -20.48 18.68
CA LEU A 25 1.17 -21.86 19.02
C LEU A 25 0.42 -22.58 17.89
N GLY A 26 -0.47 -21.87 17.21
CA GLY A 26 -1.19 -22.48 16.11
C GLY A 26 -0.23 -22.79 14.98
N CYS A 27 0.72 -21.88 14.78
CA CYS A 27 1.74 -22.04 13.74
C CYS A 27 2.56 -23.30 14.01
N ILE A 28 3.05 -23.45 15.24
CA ILE A 28 3.85 -24.62 15.63
C ILE A 28 3.13 -25.96 15.41
N ILE A 29 1.86 -26.05 15.82
CA ILE A 29 1.11 -27.30 15.64
C ILE A 29 0.99 -27.60 14.17
N THR A 30 0.65 -26.56 13.41
CA THR A 30 0.46 -26.68 11.97
C THR A 30 1.75 -27.04 11.26
N SER A 31 2.86 -26.54 11.76
CA SER A 31 4.18 -26.80 11.19
C SER A 31 4.44 -28.30 11.28
N LEU A 32 4.16 -28.87 12.44
CA LEU A 32 4.36 -30.30 12.66
C LEU A 32 3.35 -31.18 11.93
N THR A 33 2.06 -30.91 12.13
CA THR A 33 1.02 -31.69 11.49
C THR A 33 1.09 -31.57 9.98
N GLY A 34 1.45 -30.37 9.52
CA GLY A 34 1.54 -30.10 8.11
C GLY A 34 0.16 -29.96 7.51
N ARG A 35 -0.86 -29.92 8.34
CA ARG A 35 -2.22 -29.79 7.83
C ARG A 35 -2.78 -28.44 8.23
N ASP A 36 -2.98 -27.56 7.26
CA ASP A 36 -3.52 -26.23 7.53
C ASP A 36 -4.89 -26.13 6.90
N LYS A 37 -5.89 -25.93 7.75
CA LYS A 37 -7.28 -25.83 7.30
C LYS A 37 -7.76 -24.38 7.11
N ASN A 38 -6.92 -23.40 7.44
CA ASN A 38 -7.29 -21.99 7.29
C ASN A 38 -7.54 -21.61 5.85
N GLN A 39 -8.45 -20.66 5.65
CA GLN A 39 -8.80 -20.19 4.32
C GLN A 39 -7.72 -19.23 3.87
N VAL A 40 -7.40 -19.27 2.58
CA VAL A 40 -6.36 -18.43 2.01
C VAL A 40 -6.92 -17.33 1.13
N GLU A 41 -6.27 -16.18 1.16
CA GLU A 41 -6.67 -15.03 0.38
C GLU A 41 -5.41 -14.22 0.18
N GLY A 42 -5.33 -13.51 -0.93
CA GLY A 42 -4.17 -12.66 -1.18
C GLY A 42 -3.17 -13.13 -2.20
N GLU A 43 -2.29 -12.21 -2.58
CA GLU A 43 -1.25 -12.46 -3.57
C GLU A 43 0.03 -12.86 -2.85
N VAL A 44 0.25 -12.30 -1.67
CA VAL A 44 1.43 -12.58 -0.86
C VAL A 44 0.99 -13.21 0.45
N GLN A 45 1.73 -14.22 0.89
CA GLN A 45 1.41 -14.92 2.13
C GLN A 45 2.52 -14.68 3.13
N ILE A 46 2.15 -14.38 4.37
CA ILE A 46 3.12 -14.18 5.44
C ILE A 46 3.42 -15.61 5.88
N VAL A 47 4.68 -16.00 5.75
CA VAL A 47 5.08 -17.37 5.99
C VAL A 47 6.11 -17.53 7.11
N SER A 48 6.02 -18.64 7.85
CA SER A 48 6.96 -18.89 8.95
C SER A 48 7.38 -20.34 9.05
N THR A 49 8.47 -20.53 9.76
CA THR A 49 9.02 -21.85 10.05
C THR A 49 9.28 -21.72 11.54
N ALA A 50 9.84 -22.75 12.15
CA ALA A 50 10.12 -22.69 13.58
C ALA A 50 11.21 -21.66 13.85
N THR A 51 12.01 -21.35 12.84
CA THR A 51 13.11 -20.43 13.01
C THR A 51 12.91 -19.00 12.50
N GLN A 52 12.18 -18.81 11.42
CA GLN A 52 11.99 -17.46 10.89
C GLN A 52 10.71 -17.22 10.13
N THR A 53 10.36 -15.95 9.99
CA THR A 53 9.16 -15.56 9.30
C THR A 53 9.56 -14.63 8.16
N PHE A 54 8.95 -14.88 7.01
CA PHE A 54 9.21 -14.13 5.80
C PHE A 54 7.94 -14.10 4.94
N LEU A 55 8.10 -13.86 3.64
CA LEU A 55 6.97 -13.79 2.72
C LEU A 55 7.11 -14.76 1.56
N ALA A 56 5.97 -15.00 0.90
CA ALA A 56 5.90 -15.88 -0.25
C ALA A 56 4.95 -15.17 -1.17
N THR A 57 5.24 -15.19 -2.47
CA THR A 57 4.42 -14.52 -3.45
C THR A 57 3.89 -15.48 -4.49
N CYS A 58 2.60 -15.40 -4.77
CA CYS A 58 2.00 -16.24 -5.78
C CYS A 58 2.09 -15.53 -7.13
N ILE A 59 2.74 -16.16 -8.08
CA ILE A 59 2.89 -15.62 -9.42
C ILE A 59 2.52 -16.77 -10.34
N ASN A 60 1.61 -16.51 -11.28
CA ASN A 60 1.19 -17.54 -12.23
C ASN A 60 0.92 -18.93 -11.64
N GLY A 61 0.14 -18.96 -10.57
CA GLY A 61 -0.24 -20.21 -9.96
C GLY A 61 0.78 -20.92 -9.12
N VAL A 62 1.91 -20.29 -8.87
CA VAL A 62 2.95 -20.90 -8.06
C VAL A 62 3.26 -19.95 -6.91
N CYS A 63 3.44 -20.50 -5.72
CA CYS A 63 3.76 -19.73 -4.53
C CYS A 63 5.27 -19.78 -4.31
N TRP A 64 5.95 -18.73 -4.75
CA TRP A 64 7.40 -18.63 -4.65
C TRP A 64 7.88 -17.94 -3.41
N THR A 65 9.09 -18.27 -2.98
CA THR A 65 9.72 -17.63 -1.85
C THR A 65 11.23 -17.90 -1.94
N VAL A 66 11.98 -17.38 -0.97
CA VAL A 66 13.43 -17.56 -0.93
C VAL A 66 13.84 -18.91 -0.34
N TYR A 67 14.76 -19.58 -1.01
CA TYR A 67 15.27 -20.86 -0.55
C TYR A 67 15.96 -20.65 0.79
N HIS A 68 16.60 -19.50 0.98
CA HIS A 68 17.27 -19.24 2.25
C HIS A 68 16.29 -19.09 3.39
N GLY A 69 15.00 -19.18 3.07
CA GLY A 69 13.99 -19.06 4.10
C GLY A 69 13.25 -20.36 4.22
N ALA A 70 12.78 -20.88 3.09
CA ALA A 70 12.01 -22.11 3.05
C ALA A 70 12.84 -23.38 3.06
N GLY A 71 14.10 -23.26 2.64
CA GLY A 71 14.95 -24.43 2.59
C GLY A 71 14.28 -25.39 1.63
N THR A 72 14.17 -26.65 2.02
CA THR A 72 13.56 -27.62 1.13
C THR A 72 12.24 -28.17 1.75
N ARG A 73 11.69 -27.39 2.67
CA ARG A 73 10.48 -27.73 3.40
C ARG A 73 9.22 -27.84 2.57
N THR A 74 8.26 -28.56 3.11
CA THR A 74 6.96 -28.72 2.47
C THR A 74 6.13 -27.54 2.98
N ILE A 75 4.97 -27.30 2.38
CA ILE A 75 4.12 -26.21 2.88
C ILE A 75 2.87 -26.87 3.44
N ALA A 76 2.46 -26.40 4.60
CA ALA A 76 1.27 -26.94 5.27
C ALA A 76 0.04 -26.51 4.48
N SER A 77 -0.78 -27.48 4.08
CA SER A 77 -1.99 -27.18 3.32
C SER A 77 -3.15 -27.97 3.93
N PRO A 78 -4.38 -27.73 3.49
CA PRO A 78 -5.52 -28.46 4.05
C PRO A 78 -5.43 -29.96 3.84
N LYS A 79 -4.64 -30.37 2.87
CA LYS A 79 -4.49 -31.79 2.57
C LYS A 79 -3.24 -32.37 3.21
N GLY A 80 -2.56 -31.58 4.01
CA GLY A 80 -1.33 -32.02 4.64
C GLY A 80 -0.16 -31.31 4.00
N PRO A 81 1.07 -31.79 4.19
CA PRO A 81 2.24 -31.15 3.61
C PRO A 81 2.25 -31.26 2.10
N VAL A 82 2.76 -30.20 1.46
CA VAL A 82 2.88 -30.16 0.01
C VAL A 82 4.34 -29.96 -0.35
N ILE A 83 4.86 -30.86 -1.18
CA ILE A 83 6.25 -30.84 -1.61
C ILE A 83 6.47 -29.73 -2.62
N GLN A 84 7.63 -29.11 -2.55
CA GLN A 84 7.96 -28.02 -3.46
C GLN A 84 7.90 -28.51 -4.88
N MET A 85 7.39 -27.64 -5.76
CA MET A 85 7.31 -27.93 -7.18
C MET A 85 8.66 -27.60 -7.79
N TYR A 86 9.22 -26.47 -7.34
CA TYR A 86 10.50 -25.99 -7.85
C TYR A 86 11.40 -25.71 -6.68
N THR A 87 12.67 -26.01 -6.86
CA THR A 87 13.68 -25.77 -5.84
C THR A 87 14.93 -25.42 -6.62
N ASN A 88 15.50 -24.25 -6.36
CA ASN A 88 16.71 -23.86 -7.05
C ASN A 88 17.61 -23.12 -6.10
N VAL A 89 18.49 -23.87 -5.46
CA VAL A 89 19.42 -23.32 -4.49
C VAL A 89 20.25 -22.19 -5.10
N ASP A 90 20.56 -22.32 -6.39
CA ASP A 90 21.37 -21.33 -7.10
C ASP A 90 20.59 -20.03 -7.27
N GLN A 91 19.33 -20.15 -7.67
CA GLN A 91 18.46 -19.00 -7.88
C GLN A 91 17.93 -18.51 -6.55
N ASP A 92 18.10 -19.35 -5.51
CA ASP A 92 17.64 -19.05 -4.16
C ASP A 92 16.10 -18.98 -4.16
N LEU A 93 15.48 -19.88 -4.92
CA LEU A 93 14.03 -19.93 -5.05
C LEU A 93 13.44 -21.30 -4.73
N VAL A 94 12.19 -21.31 -4.27
CA VAL A 94 11.45 -22.54 -4.04
C VAL A 94 10.03 -22.14 -4.41
N GLY A 95 9.25 -23.09 -4.94
CA GLY A 95 7.88 -22.80 -5.33
C GLY A 95 7.02 -24.00 -5.04
N TRP A 96 5.81 -23.76 -4.55
CA TRP A 96 4.85 -24.82 -4.24
C TRP A 96 3.63 -24.44 -5.06
N PRO A 97 2.67 -25.36 -5.26
CA PRO A 97 1.52 -24.93 -6.05
C PRO A 97 0.84 -23.83 -5.23
N ALA A 98 0.36 -22.78 -5.86
CA ALA A 98 -0.27 -21.71 -5.09
C ALA A 98 -1.43 -22.31 -4.34
N PRO A 99 -1.58 -21.95 -3.06
CA PRO A 99 -2.67 -22.44 -2.22
C PRO A 99 -4.01 -22.12 -2.84
N GLN A 100 -4.96 -23.02 -2.69
CA GLN A 100 -6.30 -22.79 -3.20
C GLN A 100 -6.77 -21.58 -2.41
N GLY A 101 -7.18 -20.53 -3.10
CA GLY A 101 -7.67 -19.34 -2.42
C GLY A 101 -6.83 -18.12 -2.71
N SER A 102 -5.53 -18.33 -2.92
CA SER A 102 -4.63 -17.24 -3.20
C SER A 102 -4.98 -16.65 -4.57
N ARG A 103 -4.47 -15.45 -4.84
CA ARG A 103 -4.67 -14.72 -6.09
C ARG A 103 -3.25 -14.55 -6.62
N SER A 104 -3.02 -14.83 -7.89
CA SER A 104 -1.67 -14.71 -8.45
C SER A 104 -1.35 -13.40 -9.15
N LEU A 105 -0.10 -12.97 -9.02
CA LEU A 105 0.38 -11.79 -9.72
C LEU A 105 0.87 -12.34 -11.05
N THR A 106 1.08 -11.45 -12.01
CA THR A 106 1.59 -11.84 -13.31
C THR A 106 2.91 -11.12 -13.49
N PRO A 107 3.87 -11.74 -14.16
CA PRO A 107 5.18 -11.15 -14.40
C PRO A 107 5.07 -9.82 -15.13
N CYS A 108 6.02 -8.94 -14.89
CA CYS A 108 6.04 -7.62 -15.49
C CYS A 108 6.34 -7.67 -16.97
N THR A 109 5.45 -7.06 -17.74
CA THR A 109 5.59 -6.99 -19.19
C THR A 109 6.48 -5.80 -19.53
N CYS A 110 5.96 -4.59 -19.30
CA CYS A 110 6.70 -3.36 -19.55
C CYS A 110 7.91 -3.35 -18.62
N GLY A 111 9.10 -3.14 -19.18
CA GLY A 111 10.30 -3.10 -18.37
C GLY A 111 10.35 -1.78 -17.61
N SER A 112 9.70 -1.73 -16.46
CA SER A 112 9.66 -0.52 -15.65
C SER A 112 10.95 -0.30 -14.87
N SER A 113 11.35 0.96 -14.78
CA SER A 113 12.56 1.35 -14.06
C SER A 113 12.22 1.69 -12.60
N ASP A 114 11.00 2.16 -12.35
CA ASP A 114 10.58 2.48 -10.99
C ASP A 114 9.72 1.33 -10.45
N LEU A 115 10.24 0.66 -9.43
CA LEU A 115 9.60 -0.49 -8.81
C LEU A 115 9.10 -0.15 -7.42
N TYR A 116 8.28 -1.03 -6.87
CA TYR A 116 7.70 -0.82 -5.55
C TYR A 116 7.76 -2.13 -4.76
N LEU A 117 8.46 -2.13 -3.63
CA LEU A 117 8.57 -3.31 -2.78
C LEU A 117 7.45 -3.31 -1.74
N VAL A 118 6.76 -4.45 -1.60
CA VAL A 118 5.68 -4.57 -0.62
C VAL A 118 6.30 -5.30 0.56
N THR A 119 6.27 -4.68 1.74
CA THR A 119 6.85 -5.27 2.94
C THR A 119 5.84 -6.11 3.69
N ARG A 120 6.30 -6.90 4.66
CA ARG A 120 5.41 -7.76 5.44
C ARG A 120 4.43 -6.94 6.24
N HIS A 121 4.67 -5.64 6.29
CA HIS A 121 3.79 -4.74 7.03
C HIS A 121 2.78 -4.12 6.08
N ALA A 122 2.78 -4.57 4.83
CA ALA A 122 1.90 -4.07 3.80
C ALA A 122 2.17 -2.61 3.42
N ASP A 123 3.44 -2.21 3.45
CA ASP A 123 3.83 -0.87 3.06
C ASP A 123 4.43 -1.04 1.68
N VAL A 124 4.15 -0.15 0.75
CA VAL A 124 4.76 -0.28 -0.55
C VAL A 124 5.76 0.85 -0.64
N ILE A 125 7.05 0.49 -0.70
CA ILE A 125 8.12 1.47 -0.77
C ILE A 125 8.75 1.49 -2.17
N PRO A 126 8.89 2.68 -2.76
CA PRO A 126 9.49 2.77 -4.09
C PRO A 126 10.99 2.53 -4.12
N VAL A 127 11.45 1.82 -5.15
CA VAL A 127 12.87 1.56 -5.33
C VAL A 127 13.20 1.89 -6.80
N ARG A 128 14.36 2.49 -7.02
CA ARG A 128 14.78 2.84 -8.37
C ARG A 128 15.69 1.73 -8.86
N ARG A 129 15.27 1.06 -9.93
CA ARG A 129 16.03 -0.04 -10.48
C ARG A 129 17.40 0.44 -10.96
N ARG A 130 18.44 -0.29 -10.56
CA ARG A 130 19.81 0.03 -10.92
C ARG A 130 20.51 -1.18 -11.53
N GLY A 131 19.72 -2.17 -11.94
CA GLY A 131 20.27 -3.38 -12.52
C GLY A 131 19.12 -4.37 -12.63
N ASP A 132 19.33 -5.49 -13.31
CA ASP A 132 18.24 -6.45 -13.44
C ASP A 132 17.96 -7.17 -12.12
N SER A 133 18.85 -6.97 -11.15
CA SER A 133 18.71 -7.59 -9.85
C SER A 133 18.86 -6.62 -8.68
N ARG A 134 18.92 -5.33 -8.96
CA ARG A 134 19.08 -4.38 -7.87
C ARG A 134 18.34 -3.07 -8.08
N GLY A 135 18.04 -2.41 -6.97
CA GLY A 135 17.34 -1.14 -7.00
C GLY A 135 17.61 -0.42 -5.71
N SER A 136 17.67 0.90 -5.77
CA SER A 136 17.94 1.68 -4.56
C SER A 136 16.68 2.23 -3.93
N LEU A 137 16.60 2.12 -2.61
CA LEU A 137 15.44 2.64 -1.91
C LEU A 137 15.48 4.15 -2.08
N LEU A 138 14.43 4.74 -2.63
CA LEU A 138 14.42 6.18 -2.81
C LEU A 138 14.45 6.82 -1.44
N SER A 139 13.91 6.11 -0.46
CA SER A 139 13.88 6.55 0.93
C SER A 139 14.41 5.43 1.81
N PRO A 140 15.67 5.56 2.30
CA PRO A 140 16.30 4.55 3.16
C PRO A 140 15.50 4.28 4.42
N ARG A 141 15.53 3.02 4.85
CA ARG A 141 14.81 2.59 6.03
C ARG A 141 15.78 1.76 6.84
N PRO A 142 15.52 1.61 8.14
CA PRO A 142 16.39 0.79 9.00
C PRO A 142 16.34 -0.64 8.47
N ILE A 143 17.42 -1.39 8.64
CA ILE A 143 17.44 -2.76 8.15
C ILE A 143 16.36 -3.60 8.82
N SER A 144 15.97 -3.19 10.02
CA SER A 144 14.94 -3.89 10.79
C SER A 144 13.58 -3.81 10.13
N TYR A 145 13.33 -2.70 9.44
CA TYR A 145 12.07 -2.51 8.76
C TYR A 145 11.87 -3.54 7.65
N LEU A 146 12.98 -3.88 6.99
CA LEU A 146 12.98 -4.84 5.90
C LEU A 146 13.05 -6.31 6.35
N LYS A 147 13.38 -6.57 7.60
CA LYS A 147 13.44 -7.93 8.11
C LYS A 147 12.06 -8.57 7.99
N GLY A 148 12.04 -9.82 7.53
CA GLY A 148 10.78 -10.53 7.38
C GLY A 148 10.11 -10.33 6.04
N SER A 149 10.68 -9.50 5.17
CA SER A 149 10.09 -9.26 3.85
C SER A 149 10.71 -10.03 2.68
N SER A 150 11.64 -10.93 2.94
CA SER A 150 12.27 -11.72 1.88
C SER A 150 11.22 -12.61 1.25
N GLY A 151 11.16 -12.63 -0.08
CA GLY A 151 10.15 -13.43 -0.75
C GLY A 151 9.00 -12.54 -1.17
N GLY A 152 8.99 -11.30 -0.70
CA GLY A 152 7.94 -10.36 -1.04
C GLY A 152 8.10 -9.86 -2.47
N PRO A 153 7.03 -9.35 -3.08
CA PRO A 153 7.11 -8.87 -4.46
C PRO A 153 7.62 -7.45 -4.68
N LEU A 154 8.23 -7.26 -5.85
CA LEU A 154 8.69 -5.94 -6.27
C LEU A 154 7.77 -5.77 -7.46
N LEU A 155 6.89 -4.79 -7.35
CA LEU A 155 5.90 -4.51 -8.39
C LEU A 155 6.23 -3.33 -9.27
N CYS A 156 5.78 -3.39 -10.52
CA CYS A 156 5.95 -2.28 -11.43
C CYS A 156 4.68 -1.47 -11.16
N PRO A 157 4.58 -0.25 -11.69
CA PRO A 157 3.39 0.59 -11.45
C PRO A 157 2.06 -0.09 -11.76
N ALA A 158 2.07 -0.99 -12.73
CA ALA A 158 0.86 -1.73 -13.11
C ALA A 158 0.53 -2.86 -12.14
N GLY A 159 1.35 -3.04 -11.10
CA GLY A 159 1.12 -4.09 -10.14
C GLY A 159 1.54 -5.48 -10.57
N HIS A 160 2.44 -5.56 -11.55
CA HIS A 160 2.92 -6.83 -12.04
C HIS A 160 4.21 -7.15 -11.33
N ALA A 161 4.49 -8.43 -11.16
CA ALA A 161 5.69 -8.85 -10.46
C ALA A 161 6.98 -8.74 -11.26
N VAL A 162 7.91 -7.91 -10.77
CA VAL A 162 9.22 -7.72 -11.41
C VAL A 162 10.24 -8.62 -10.71
N GLY A 163 10.06 -8.84 -9.42
CA GLY A 163 11.00 -9.69 -8.71
C GLY A 163 10.54 -9.94 -7.30
N LEU A 164 11.34 -10.71 -6.56
CA LEU A 164 11.08 -11.07 -5.16
C LEU A 164 12.25 -10.54 -4.32
N PHE A 165 11.95 -9.83 -3.25
CA PHE A 165 12.98 -9.28 -2.36
C PHE A 165 13.87 -10.41 -1.81
N ARG A 166 15.19 -10.23 -1.94
CA ARG A 166 16.13 -11.23 -1.49
C ARG A 166 17.07 -10.76 -0.39
N ALA A 167 17.80 -9.68 -0.67
CA ALA A 167 18.77 -9.18 0.28
C ALA A 167 18.78 -7.66 0.32
N ALA A 168 19.24 -7.11 1.44
CA ALA A 168 19.29 -5.68 1.60
C ALA A 168 20.71 -5.21 1.70
N VAL A 169 21.00 -4.13 0.99
CA VAL A 169 22.32 -3.51 1.01
C VAL A 169 22.29 -2.56 2.21
N CYS A 170 22.69 -3.10 3.35
CA CYS A 170 22.69 -2.39 4.61
C CYS A 170 24.03 -1.76 4.94
N THR A 171 24.00 -0.69 5.74
CA THR A 171 25.20 0.01 6.19
C THR A 171 24.84 0.77 7.45
N ARG A 172 25.60 0.54 8.51
CA ARG A 172 25.37 1.18 9.81
C ARG A 172 23.95 0.88 10.29
N GLY A 173 23.38 -0.21 9.78
CA GLY A 173 22.03 -0.58 10.18
C GLY A 173 20.95 0.04 9.32
N VAL A 174 21.35 0.75 8.27
CA VAL A 174 20.38 1.36 7.39
C VAL A 174 20.50 0.77 5.99
N ALA A 175 19.37 0.34 5.45
CA ALA A 175 19.30 -0.25 4.13
C ALA A 175 19.06 0.85 3.12
N LYS A 176 19.91 0.91 2.10
CA LYS A 176 19.77 1.93 1.06
C LYS A 176 19.47 1.32 -0.29
N ALA A 177 19.70 0.03 -0.42
CA ALA A 177 19.42 -0.63 -1.68
C ALA A 177 18.96 -2.03 -1.40
N VAL A 178 18.33 -2.65 -2.38
CA VAL A 178 17.83 -4.00 -2.22
C VAL A 178 18.22 -4.84 -3.41
N ASP A 179 18.46 -6.11 -3.13
CA ASP A 179 18.83 -7.08 -4.12
C ASP A 179 17.62 -8.00 -4.30
N PHE A 180 17.22 -8.22 -5.53
CA PHE A 180 16.08 -9.08 -5.78
C PHE A 180 16.28 -10.14 -6.86
N ILE A 181 15.42 -11.15 -6.81
CA ILE A 181 15.45 -12.24 -7.77
C ILE A 181 14.47 -11.80 -8.87
N PRO A 182 14.98 -11.33 -10.02
CA PRO A 182 14.10 -10.89 -11.11
C PRO A 182 13.15 -12.01 -11.52
N VAL A 183 11.95 -11.65 -11.90
CA VAL A 183 10.92 -12.60 -12.27
C VAL A 183 11.34 -13.59 -13.36
N GLU A 184 12.44 -13.33 -14.04
CA GLU A 184 12.94 -14.21 -15.11
C GLU A 184 13.58 -15.48 -14.56
N ASN A 185 14.25 -15.36 -13.42
CA ASN A 185 14.89 -16.52 -12.80
C ASN A 185 13.85 -17.56 -12.46
N LEU A 186 12.60 -17.12 -12.32
CA LEU A 186 11.49 -18.01 -12.02
C LEU A 186 11.27 -18.94 -13.21
N GLU A 187 11.15 -18.37 -14.40
CA GLU A 187 10.96 -19.17 -15.61
C GLU A 187 12.12 -20.12 -15.84
N THR A 188 13.33 -19.63 -15.62
CA THR A 188 14.53 -20.44 -15.78
C THR A 188 14.50 -21.60 -14.79
N THR A 189 14.03 -21.33 -13.59
CA THR A 189 13.92 -22.33 -12.53
C THR A 189 12.87 -23.39 -12.85
N MET A 190 11.78 -22.96 -13.48
CA MET A 190 10.72 -23.88 -13.87
C MET A 190 11.16 -24.69 -15.07
N ARG A 191 11.97 -24.06 -15.90
CA ARG A 191 12.50 -24.68 -17.11
C ARG A 191 13.55 -25.75 -16.80
N SER A 192 14.35 -25.51 -15.76
CA SER A 192 15.40 -26.43 -15.36
C SER A 192 14.92 -27.70 -14.62
N LYS B 2 12.02 -31.85 8.47
CA LYS B 2 11.74 -30.58 9.19
C LYS B 2 10.26 -30.29 9.17
N GLY B 3 9.86 -29.26 9.92
CA GLY B 3 8.46 -28.89 9.95
C GLY B 3 8.12 -28.16 8.66
N SER B 4 6.84 -28.13 8.34
CA SER B 4 6.36 -27.45 7.14
C SER B 4 6.39 -25.93 7.32
N VAL B 5 6.44 -25.23 6.20
CA VAL B 5 6.38 -23.77 6.20
C VAL B 5 4.90 -23.52 6.44
N VAL B 6 4.57 -22.59 7.32
CA VAL B 6 3.16 -22.27 7.65
C VAL B 6 2.76 -20.83 7.30
N ILE B 7 1.60 -20.69 6.68
CA ILE B 7 1.05 -19.39 6.33
C ILE B 7 0.47 -18.83 7.62
N VAL B 8 1.04 -17.74 8.13
CA VAL B 8 0.54 -17.15 9.37
C VAL B 8 -0.16 -15.81 9.14
N GLY B 9 -0.32 -15.44 7.88
CA GLY B 9 -0.98 -14.18 7.57
C GLY B 9 -0.96 -13.96 6.07
N ARG B 10 -1.46 -12.83 5.61
CA ARG B 10 -1.48 -12.54 4.20
C ARG B 10 -1.42 -11.06 3.97
N ILE B 11 -1.06 -10.67 2.75
CA ILE B 11 -0.99 -9.27 2.38
C ILE B 11 -1.82 -9.19 1.11
N VAL B 12 -2.82 -8.32 1.11
CA VAL B 12 -3.69 -8.20 -0.04
C VAL B 12 -3.46 -6.91 -0.80
N LEU B 13 -3.10 -7.08 -2.07
CA LEU B 13 -2.81 -6.01 -3.00
C LEU B 13 -4.01 -5.66 -3.87
N SER B 14 -4.97 -6.57 -3.98
CA SER B 14 -6.15 -6.37 -4.81
C SER B 14 -7.25 -5.47 -4.23
N GLY B 15 -7.12 -5.06 -2.99
CA GLY B 15 -8.14 -4.21 -2.37
C GLY B 15 -8.12 -2.83 -2.99
N LYS B 16 -9.29 -2.20 -3.06
CA LYS B 16 -9.44 -0.85 -3.63
C LYS B 16 -10.00 0.07 -2.55
N PRO B 17 -9.73 1.38 -2.64
CA PRO B 17 -10.25 2.31 -1.64
C PRO B 17 -11.71 2.03 -1.39
N ALA B 18 -12.09 1.98 -0.12
CA ALA B 18 -13.47 1.70 0.22
C ALA B 18 -13.90 2.48 1.44
N ILE B 19 -15.18 2.85 1.46
CA ILE B 19 -15.76 3.57 2.59
C ILE B 19 -15.98 2.51 3.65
N ILE B 20 -15.35 2.68 4.81
CA ILE B 20 -15.48 1.71 5.90
C ILE B 20 -16.93 1.68 6.35
N PRO B 21 -17.57 0.50 6.26
CA PRO B 21 -18.97 0.35 6.66
C PRO B 21 -19.10 0.51 8.16
N LYS B 22 -20.18 1.14 8.59
CA LYS B 22 -20.37 1.34 10.01
C LYS B 22 -20.93 0.07 10.64
N LYS B 23 -20.43 -0.24 11.82
CA LYS B 23 -20.82 -1.44 12.56
C LYS B 23 -20.56 -1.12 14.04
N VAL C 40 -10.29 -1.68 11.46
CA VAL C 40 -9.79 -1.06 10.21
C VAL C 40 -9.72 0.42 10.50
N GLU C 41 -8.65 1.07 10.05
CA GLU C 41 -8.51 2.50 10.25
C GLU C 41 -8.42 3.14 8.88
N GLY C 42 -9.07 4.29 8.75
CA GLY C 42 -9.06 5.00 7.48
C GLY C 42 -8.14 6.20 7.43
N GLU C 43 -7.59 6.47 6.25
CA GLU C 43 -6.69 7.60 6.05
C GLU C 43 -7.49 8.83 5.65
N VAL C 44 -8.63 8.60 5.01
CA VAL C 44 -9.49 9.68 4.56
C VAL C 44 -10.81 9.75 5.33
N GLN C 45 -11.08 10.89 5.94
CA GLN C 45 -12.31 11.10 6.70
C GLN C 45 -13.27 11.88 5.83
N ILE C 46 -14.51 11.40 5.77
CA ILE C 46 -15.55 12.08 5.03
C ILE C 46 -16.16 12.99 6.10
N VAL C 47 -15.97 14.29 5.94
CA VAL C 47 -16.45 15.25 6.93
C VAL C 47 -17.51 16.21 6.41
N SER C 48 -18.05 17.00 7.33
CA SER C 48 -19.06 17.97 6.97
C SER C 48 -19.30 19.04 8.04
N THR C 49 -19.60 20.23 7.55
CA THR C 49 -19.92 21.38 8.39
C THR C 49 -21.40 21.55 8.15
N ALA C 50 -21.98 22.63 8.66
CA ALA C 50 -23.40 22.89 8.49
C ALA C 50 -23.68 23.27 7.04
N THR C 51 -22.68 23.88 6.42
CA THR C 51 -22.77 24.34 5.05
C THR C 51 -22.52 23.25 4.01
N GLN C 52 -21.37 22.61 4.08
CA GLN C 52 -21.01 21.61 3.10
C GLN C 52 -20.46 20.29 3.64
N THR C 53 -20.01 19.45 2.72
CA THR C 53 -19.42 18.16 3.02
C THR C 53 -18.23 18.02 2.09
N PHE C 54 -17.11 17.61 2.65
CA PHE C 54 -15.90 17.45 1.90
C PHE C 54 -15.06 16.34 2.55
N LEU C 55 -13.77 16.30 2.25
CA LEU C 55 -12.89 15.29 2.79
C LEU C 55 -11.74 15.87 3.61
N ALA C 56 -11.10 15.00 4.39
CA ALA C 56 -9.94 15.36 5.18
C ALA C 56 -9.00 14.16 4.99
N THR C 57 -7.69 14.39 4.98
CA THR C 57 -6.71 13.31 4.78
C THR C 57 -5.67 13.35 5.89
N CYS C 58 -5.41 12.22 6.53
CA CYS C 58 -4.40 12.19 7.60
C CYS C 58 -3.03 11.91 7.03
N ILE C 59 -2.12 12.87 7.18
CA ILE C 59 -0.75 12.72 6.71
C ILE C 59 0.12 13.19 7.85
N ASN C 60 1.06 12.34 8.24
CA ASN C 60 1.98 12.65 9.33
C ASN C 60 1.31 12.96 10.66
N GLY C 61 0.27 12.19 10.99
CA GLY C 61 -0.40 12.39 12.26
C GLY C 61 -1.32 13.59 12.36
N VAL C 62 -1.46 14.33 11.26
CA VAL C 62 -2.34 15.49 11.23
C VAL C 62 -3.45 15.21 10.22
N CYS C 63 -4.66 15.63 10.56
CA CYS C 63 -5.83 15.45 9.70
C CYS C 63 -5.97 16.77 8.94
N TRP C 64 -5.56 16.77 7.68
CA TRP C 64 -5.59 17.97 6.84
C TRP C 64 -6.83 18.07 5.99
N THR C 65 -7.23 19.30 5.68
CA THR C 65 -8.36 19.54 4.82
C THR C 65 -8.29 20.97 4.28
N VAL C 66 -9.23 21.30 3.40
CA VAL C 66 -9.26 22.61 2.77
C VAL C 66 -9.87 23.69 3.65
N TYR C 67 -9.17 24.82 3.76
CA TYR C 67 -9.66 25.95 4.54
C TYR C 67 -11.01 26.44 4.01
N HIS C 68 -11.26 26.28 2.71
CA HIS C 68 -12.53 26.71 2.13
C HIS C 68 -13.73 25.83 2.50
N GLY C 69 -13.46 24.76 3.25
CA GLY C 69 -14.52 23.87 3.69
C GLY C 69 -14.65 24.03 5.19
N ALA C 70 -13.53 23.95 5.90
CA ALA C 70 -13.49 24.05 7.37
C ALA C 70 -13.40 25.47 7.91
N GLY C 71 -12.62 26.31 7.26
CA GLY C 71 -12.44 27.65 7.75
C GLY C 71 -11.54 27.50 8.95
N THR C 72 -11.96 28.05 10.08
CA THR C 72 -11.19 27.94 11.30
C THR C 72 -11.93 27.03 12.27
N ARG C 73 -12.91 26.32 11.74
CA ARG C 73 -13.69 25.42 12.55
C ARG C 73 -12.87 24.42 13.32
N THR C 74 -13.43 23.99 14.43
CA THR C 74 -12.81 23.03 15.32
C THR C 74 -13.38 21.66 14.92
N ILE C 75 -12.62 20.58 15.12
CA ILE C 75 -13.15 19.26 14.76
C ILE C 75 -13.77 18.57 15.97
N ALA C 76 -14.90 17.90 15.76
CA ALA C 76 -15.59 17.23 16.86
C ALA C 76 -14.82 16.01 17.33
N SER C 77 -15.02 15.66 18.60
CA SER C 77 -14.40 14.47 19.19
C SER C 77 -15.24 14.06 20.39
N PRO C 78 -15.18 12.78 20.81
CA PRO C 78 -15.97 12.34 21.96
C PRO C 78 -15.65 13.08 23.27
N LYS C 79 -14.57 13.86 23.27
CA LYS C 79 -14.14 14.63 24.43
C LYS C 79 -14.35 16.14 24.22
N GLY C 80 -15.11 16.48 23.19
CA GLY C 80 -15.36 17.89 22.90
C GLY C 80 -14.59 18.34 21.67
N PRO C 81 -14.81 19.58 21.20
CA PRO C 81 -14.11 20.09 20.02
C PRO C 81 -12.61 20.27 20.21
N VAL C 82 -11.85 19.95 19.17
CA VAL C 82 -10.41 20.12 19.23
C VAL C 82 -10.02 21.14 18.17
N ILE C 83 -9.22 22.11 18.59
CA ILE C 83 -8.79 23.18 17.70
C ILE C 83 -7.77 22.72 16.67
N GLN C 84 -7.77 23.39 15.53
CA GLN C 84 -6.85 23.08 14.46
C GLN C 84 -5.45 23.30 14.97
N MET C 85 -4.53 22.45 14.54
CA MET C 85 -3.13 22.61 14.91
C MET C 85 -2.51 23.57 13.92
N TYR C 86 -3.05 23.60 12.71
CA TYR C 86 -2.52 24.46 11.67
C TYR C 86 -3.64 25.08 10.86
N THR C 87 -3.49 26.36 10.56
CA THR C 87 -4.46 27.09 9.76
C THR C 87 -3.59 27.86 8.79
N ASN C 88 -3.88 27.77 7.50
CA ASN C 88 -3.09 28.45 6.49
C ASN C 88 -4.00 28.88 5.36
N VAL C 89 -4.60 30.04 5.53
CA VAL C 89 -5.53 30.60 4.56
C VAL C 89 -4.98 30.73 3.14
N ASP C 90 -3.69 31.10 3.04
CA ASP C 90 -3.07 31.28 1.73
C ASP C 90 -2.97 29.98 0.98
N GLN C 91 -2.55 28.93 1.68
CA GLN C 91 -2.42 27.63 1.06
C GLN C 91 -3.75 26.88 1.04
N ASP C 92 -4.80 27.51 1.57
CA ASP C 92 -6.15 26.91 1.64
C ASP C 92 -6.05 25.60 2.44
N LEU C 93 -5.22 25.62 3.47
CA LEU C 93 -4.92 24.45 4.27
C LEU C 93 -5.12 24.62 5.77
N VAL C 94 -5.73 23.61 6.40
CA VAL C 94 -5.92 23.60 7.84
C VAL C 94 -5.60 22.19 8.28
N GLY C 95 -5.32 22.01 9.57
CA GLY C 95 -5.00 20.70 10.08
C GLY C 95 -5.29 20.60 11.55
N TRP C 96 -5.89 19.47 11.94
CA TRP C 96 -6.22 19.19 13.34
C TRP C 96 -5.42 17.92 13.69
N PRO C 97 -5.27 17.62 15.00
CA PRO C 97 -4.53 16.38 15.27
C PRO C 97 -5.40 15.24 14.74
N ALA C 98 -4.76 14.23 14.16
CA ALA C 98 -5.48 13.10 13.57
C ALA C 98 -6.51 12.53 14.53
N PRO C 99 -7.74 12.29 14.03
CA PRO C 99 -8.85 11.74 14.84
C PRO C 99 -8.72 10.24 15.08
N GLN C 100 -9.65 9.69 15.86
CA GLN C 100 -9.64 8.27 16.14
C GLN C 100 -10.18 7.50 14.93
N GLY C 101 -9.80 6.24 14.81
CA GLY C 101 -10.27 5.44 13.70
C GLY C 101 -9.62 5.83 12.39
N SER C 102 -8.52 6.56 12.50
CA SER C 102 -7.78 7.01 11.32
C SER C 102 -6.36 6.52 11.36
N ARG C 103 -5.72 6.49 10.19
CA ARG C 103 -4.33 6.09 10.04
C ARG C 103 -3.70 7.03 9.03
N SER C 104 -2.46 7.43 9.30
CA SER C 104 -1.76 8.35 8.42
C SER C 104 -1.17 7.78 7.15
N LEU C 105 -1.15 8.64 6.14
CA LEU C 105 -0.67 8.38 4.81
C LEU C 105 0.78 8.83 4.74
N THR C 106 1.55 8.15 3.92
CA THR C 106 2.97 8.46 3.74
C THR C 106 3.15 9.41 2.55
N PRO C 107 3.93 10.48 2.74
CA PRO C 107 4.17 11.44 1.66
C PRO C 107 4.92 10.74 0.51
N CYS C 108 4.73 11.23 -0.71
CA CYS C 108 5.41 10.64 -1.84
C CYS C 108 6.89 10.98 -1.80
N THR C 109 7.73 10.06 -2.27
CA THR C 109 9.18 10.25 -2.31
C THR C 109 9.78 9.74 -3.64
N CYS C 110 8.92 9.36 -4.57
CA CYS C 110 9.35 8.85 -5.87
C CYS C 110 9.14 9.87 -7.00
N GLY C 111 8.66 11.06 -6.65
CA GLY C 111 8.41 12.09 -7.64
C GLY C 111 7.62 11.72 -8.90
N SER C 112 6.73 10.74 -8.82
CA SER C 112 5.97 10.34 -10.00
C SER C 112 4.95 11.40 -10.40
N SER C 113 4.61 11.40 -11.68
CA SER C 113 3.66 12.35 -12.23
C SER C 113 2.35 11.65 -12.54
N ASP C 114 2.30 10.35 -12.33
CA ASP C 114 1.08 9.59 -12.57
C ASP C 114 0.37 9.56 -11.23
N LEU C 115 -0.53 10.51 -11.05
CA LEU C 115 -1.29 10.66 -9.82
C LEU C 115 -2.67 9.99 -9.86
N TYR C 116 -3.29 9.82 -8.70
CA TYR C 116 -4.60 9.20 -8.58
C TYR C 116 -5.38 9.92 -7.49
N LEU C 117 -6.50 10.49 -7.88
CA LEU C 117 -7.32 11.22 -6.94
C LEU C 117 -8.41 10.31 -6.39
N VAL C 118 -8.61 10.33 -5.08
CA VAL C 118 -9.63 9.49 -4.44
C VAL C 118 -10.81 10.40 -4.05
N THR C 119 -12.01 10.11 -4.57
CA THR C 119 -13.19 10.92 -4.26
C THR C 119 -13.90 10.48 -2.99
N ARG C 120 -14.87 11.27 -2.56
CA ARG C 120 -15.65 10.99 -1.36
C ARG C 120 -16.47 9.71 -1.51
N HIS C 121 -16.48 9.14 -2.71
CA HIS C 121 -17.23 7.92 -2.96
C HIS C 121 -16.25 6.77 -3.15
N ALA C 122 -14.99 7.00 -2.80
CA ALA C 122 -13.94 6.01 -2.93
C ALA C 122 -13.59 5.72 -4.37
N ASP C 123 -13.91 6.64 -5.27
CA ASP C 123 -13.57 6.47 -6.68
C ASP C 123 -12.14 6.92 -6.85
N VAL C 124 -11.41 6.29 -7.75
CA VAL C 124 -10.02 6.66 -8.03
C VAL C 124 -9.99 7.24 -9.43
N ILE C 125 -9.43 8.43 -9.56
CA ILE C 125 -9.36 9.12 -10.83
C ILE C 125 -7.91 9.37 -11.23
N PRO C 126 -7.43 8.73 -12.31
CA PRO C 126 -6.04 8.95 -12.74
C PRO C 126 -5.89 10.41 -13.18
N VAL C 127 -4.81 11.04 -12.74
CA VAL C 127 -4.53 12.43 -13.06
C VAL C 127 -3.07 12.55 -13.41
N ARG C 128 -2.78 13.18 -14.54
CA ARG C 128 -1.39 13.36 -14.96
C ARG C 128 -0.94 14.70 -14.37
N ARG C 129 0.12 14.65 -13.58
CA ARG C 129 0.63 15.85 -12.96
C ARG C 129 1.13 16.81 -14.01
N ARG C 130 0.48 17.95 -14.10
CA ARG C 130 0.84 18.98 -15.06
C ARG C 130 1.76 20.02 -14.45
N GLY C 131 1.92 19.97 -13.13
CA GLY C 131 2.79 20.94 -12.49
C GLY C 131 2.71 20.94 -10.99
N ASP C 132 3.62 21.69 -10.39
CA ASP C 132 3.74 21.85 -8.94
C ASP C 132 2.45 21.61 -8.15
N SER C 133 1.36 22.21 -8.60
CA SER C 133 0.10 22.06 -7.92
C SER C 133 -1.07 21.95 -8.89
N ARG C 134 -0.82 21.28 -10.01
CA ARG C 134 -1.84 21.12 -11.04
C ARG C 134 -1.73 19.75 -11.69
N GLY C 135 -2.87 19.20 -12.12
CA GLY C 135 -2.86 17.91 -12.78
C GLY C 135 -4.05 17.79 -13.68
N SER C 136 -3.90 17.02 -14.77
CA SER C 136 -4.97 16.83 -15.73
C SER C 136 -5.63 15.45 -15.64
N LEU C 137 -6.96 15.41 -15.50
CA LEU C 137 -7.65 14.12 -15.43
C LEU C 137 -7.32 13.37 -16.71
N LEU C 138 -7.06 12.07 -16.62
CA LEU C 138 -6.78 11.33 -17.84
C LEU C 138 -8.07 11.21 -18.61
N SER C 139 -9.19 11.38 -17.92
CA SER C 139 -10.52 11.32 -18.52
C SER C 139 -11.36 12.35 -17.78
N PRO C 140 -11.73 13.45 -18.44
CA PRO C 140 -12.54 14.48 -17.78
C PRO C 140 -13.84 13.89 -17.29
N ARG C 141 -14.30 14.36 -16.14
CA ARG C 141 -15.54 13.89 -15.53
C ARG C 141 -16.43 15.10 -15.27
N PRO C 142 -17.74 14.87 -15.11
CA PRO C 142 -18.67 15.97 -14.83
C PRO C 142 -18.25 16.56 -13.51
N ILE C 143 -18.44 17.86 -13.31
CA ILE C 143 -18.03 18.47 -12.06
C ILE C 143 -18.67 17.79 -10.84
N SER C 144 -19.89 17.29 -11.01
CA SER C 144 -20.59 16.63 -9.92
C SER C 144 -19.79 15.48 -9.35
N TYR C 145 -19.12 14.74 -10.24
CA TYR C 145 -18.30 13.59 -9.88
C TYR C 145 -17.21 13.92 -8.88
N LEU C 146 -16.67 15.13 -8.95
CA LEU C 146 -15.61 15.52 -8.04
C LEU C 146 -16.12 16.34 -6.86
N LYS C 147 -17.35 16.80 -6.97
CA LYS C 147 -17.94 17.61 -5.90
C LYS C 147 -17.97 16.84 -4.58
N GLY C 148 -17.52 17.51 -3.52
CA GLY C 148 -17.50 16.93 -2.20
C GLY C 148 -16.22 16.18 -1.86
N SER C 149 -15.20 16.32 -2.71
CA SER C 149 -13.93 15.64 -2.51
C SER C 149 -12.75 16.52 -2.13
N SER C 150 -12.96 17.82 -2.00
CA SER C 150 -11.87 18.72 -1.61
C SER C 150 -11.34 18.26 -0.27
N GLY C 151 -10.02 18.17 -0.14
CA GLY C 151 -9.43 17.72 1.11
C GLY C 151 -8.90 16.31 0.89
N GLY C 152 -9.52 15.60 -0.05
CA GLY C 152 -9.11 14.25 -0.39
C GLY C 152 -7.66 14.20 -0.84
N PRO C 153 -7.09 13.00 -1.02
CA PRO C 153 -5.69 12.91 -1.45
C PRO C 153 -5.42 12.62 -2.91
N LEU C 154 -4.24 13.02 -3.35
CA LEU C 154 -3.80 12.73 -4.70
C LEU C 154 -2.63 11.79 -4.43
N LEU C 155 -2.87 10.51 -4.70
CA LEU C 155 -1.91 9.43 -4.48
C LEU C 155 -0.99 9.17 -5.68
N CYS C 156 0.23 8.70 -5.41
CA CYS C 156 1.14 8.39 -6.49
C CYS C 156 1.01 6.88 -6.78
N PRO C 157 1.74 6.33 -7.77
CA PRO C 157 1.62 4.89 -8.06
C PRO C 157 1.79 3.95 -6.86
N ALA C 158 2.39 4.47 -5.79
CA ALA C 158 2.61 3.70 -4.56
C ALA C 158 1.58 3.98 -3.46
N GLY C 159 0.51 4.69 -3.79
CA GLY C 159 -0.50 5.00 -2.80
C GLY C 159 -0.06 6.01 -1.75
N HIS C 160 1.09 6.66 -1.96
CA HIS C 160 1.60 7.68 -1.03
C HIS C 160 1.02 9.03 -1.40
N ALA C 161 0.91 9.92 -0.43
CA ALA C 161 0.36 11.25 -0.63
C ALA C 161 1.22 12.20 -1.45
N VAL C 162 0.68 12.65 -2.57
CA VAL C 162 1.36 13.61 -3.45
C VAL C 162 0.83 14.99 -3.07
N GLY C 163 -0.47 15.05 -2.79
CA GLY C 163 -1.06 16.31 -2.42
C GLY C 163 -2.50 16.17 -2.00
N LEU C 164 -3.10 17.31 -1.67
CA LEU C 164 -4.49 17.39 -1.24
C LEU C 164 -5.29 18.07 -2.32
N PHE C 165 -6.36 17.43 -2.76
CA PHE C 165 -7.23 17.99 -3.78
C PHE C 165 -7.78 19.32 -3.26
N ARG C 166 -7.43 20.41 -3.95
CA ARG C 166 -7.87 21.74 -3.54
C ARG C 166 -9.15 22.20 -4.24
N ALA C 167 -9.15 22.16 -5.57
CA ALA C 167 -10.33 22.58 -6.36
C ALA C 167 -10.26 22.02 -7.77
N ALA C 168 -11.42 21.76 -8.36
CA ALA C 168 -11.48 21.22 -9.71
C ALA C 168 -11.45 22.38 -10.70
N VAL C 169 -10.67 22.21 -11.77
CA VAL C 169 -10.55 23.20 -12.83
C VAL C 169 -11.38 22.66 -13.98
N CYS C 170 -12.54 23.25 -14.18
CA CYS C 170 -13.46 22.77 -15.20
C CYS C 170 -13.84 23.79 -16.26
N THR C 171 -14.23 23.26 -17.42
CA THR C 171 -14.66 24.08 -18.54
C THR C 171 -16.06 23.60 -18.89
N ARG C 172 -17.04 24.49 -18.80
CA ARG C 172 -18.42 24.14 -19.15
C ARG C 172 -19.01 23.00 -18.33
N GLY C 173 -18.70 22.95 -17.04
CA GLY C 173 -19.24 21.90 -16.18
C GLY C 173 -18.58 20.54 -16.21
N VAL C 174 -17.48 20.43 -16.92
CA VAL C 174 -16.75 19.18 -16.99
C VAL C 174 -15.35 19.42 -16.44
N ALA C 175 -15.04 18.72 -15.35
CA ALA C 175 -13.73 18.84 -14.73
C ALA C 175 -12.74 18.15 -15.65
N LYS C 176 -11.69 18.88 -16.04
CA LYS C 176 -10.68 18.31 -16.92
C LYS C 176 -9.34 18.34 -16.21
N ALA C 177 -9.26 19.11 -15.12
CA ALA C 177 -8.04 19.22 -14.36
C ALA C 177 -8.39 19.51 -12.91
N VAL C 178 -7.37 19.53 -12.06
CA VAL C 178 -7.56 19.79 -10.64
C VAL C 178 -6.40 20.58 -10.06
N ASP C 179 -6.71 21.29 -9.00
CA ASP C 179 -5.74 22.07 -8.27
C ASP C 179 -5.45 21.24 -7.01
N PHE C 180 -4.24 21.28 -6.51
CA PHE C 180 -3.91 20.52 -5.31
C PHE C 180 -2.80 21.14 -4.47
N ILE C 181 -2.78 20.78 -3.18
CA ILE C 181 -1.80 21.28 -2.24
C ILE C 181 -0.72 20.22 -2.12
N PRO C 182 0.47 20.47 -2.69
CA PRO C 182 1.57 19.50 -2.62
C PRO C 182 1.91 19.14 -1.18
N VAL C 183 2.27 17.88 -0.91
CA VAL C 183 2.62 17.47 0.46
C VAL C 183 3.69 18.33 1.08
N GLU C 184 4.55 18.90 0.22
CA GLU C 184 5.63 19.75 0.71
C GLU C 184 5.04 20.83 1.61
N ASN C 185 4.00 21.49 1.12
CA ASN C 185 3.32 22.55 1.88
C ASN C 185 2.95 22.07 3.26
N LEU C 186 2.41 20.86 3.33
CA LEU C 186 2.01 20.27 4.60
C LEU C 186 3.25 20.06 5.48
N GLU C 187 4.27 19.42 4.90
CA GLU C 187 5.53 19.14 5.60
C GLU C 187 6.14 20.44 6.10
N THR C 188 5.89 21.50 5.33
CA THR C 188 6.38 22.83 5.62
C THR C 188 5.57 23.49 6.73
N THR C 189 4.25 23.42 6.59
CA THR C 189 3.34 24.01 7.56
C THR C 189 3.52 23.41 8.96
N MET C 190 4.05 22.19 9.01
CA MET C 190 4.29 21.50 10.27
C MET C 190 5.55 21.97 10.99
N GLY D 3 -19.61 26.15 15.32
CA GLY D 3 -19.99 24.80 14.80
C GLY D 3 -18.74 24.03 14.42
N SER D 4 -18.70 22.75 14.77
CA SER D 4 -17.54 21.91 14.46
C SER D 4 -17.67 21.13 13.16
N VAL D 5 -16.53 20.66 12.68
CA VAL D 5 -16.45 19.83 11.49
C VAL D 5 -16.65 18.44 12.10
N VAL D 6 -17.57 17.66 11.55
CA VAL D 6 -17.83 16.33 12.09
C VAL D 6 -17.45 15.23 11.10
N ILE D 7 -16.99 14.11 11.62
CA ILE D 7 -16.61 12.98 10.79
C ILE D 7 -17.88 12.19 10.54
N VAL D 8 -18.28 12.07 9.29
CA VAL D 8 -19.49 11.34 8.98
C VAL D 8 -19.22 9.98 8.35
N GLY D 9 -17.95 9.73 8.04
CA GLY D 9 -17.58 8.46 7.44
C GLY D 9 -16.08 8.37 7.29
N ARG D 10 -15.60 7.21 6.85
CA ARG D 10 -14.16 7.01 6.66
C ARG D 10 -13.93 6.15 5.43
N ILE D 11 -12.75 6.32 4.83
CA ILE D 11 -12.35 5.58 3.63
C ILE D 11 -11.00 4.93 3.89
N VAL D 12 -10.92 3.62 3.73
CA VAL D 12 -9.66 2.89 3.89
C VAL D 12 -9.13 2.66 2.47
N LEU D 13 -7.98 3.25 2.17
CA LEU D 13 -7.39 3.17 0.83
C LEU D 13 -7.03 1.80 0.29
N SER D 14 -6.66 0.87 1.16
CA SER D 14 -6.28 -0.48 0.75
C SER D 14 -7.51 -1.34 0.63
N GLY D 15 -8.64 -0.85 1.11
CA GLY D 15 -9.86 -1.63 1.04
C GLY D 15 -9.92 -2.72 2.11
N LYS D 16 -9.10 -2.59 3.14
CA LYS D 16 -9.06 -3.58 4.22
C LYS D 16 -10.42 -3.76 4.88
N PRO D 17 -11.01 -4.94 4.72
CA PRO D 17 -12.32 -5.23 5.31
C PRO D 17 -12.23 -5.46 6.81
N ALA D 18 -11.23 -6.26 7.21
CA ALA D 18 -10.99 -6.65 8.60
C ALA D 18 -12.16 -6.47 9.59
ZN ZN E . 4.98 -3.93 -15.73
C1 UNH F . 23.32 -9.04 2.18
O2 UNH F . 23.60 -10.25 2.19
O3 UNH F . 23.63 -8.16 1.37
C4 UNH F . 24.27 -8.64 0.22
C5 UNH F . 23.93 -7.65 -0.89
C6 UNH F . 25.15 -6.81 -1.20
C7 UNH F . 23.45 -8.40 -2.12
N8 UNH F . 22.58 -8.47 3.11
C9 UNH F . 21.94 -9.26 4.16
C10 UNH F . 21.48 -8.38 5.31
C11 UNH F . 20.82 -9.20 6.40
C12 UNH F . 20.36 -8.35 7.57
C13 UNH F . 21.54 -7.56 8.14
C14 UNH F . 22.25 -6.74 7.07
C15 UNH F . 22.66 -7.62 5.90
C16 UNH F . 20.71 -9.96 3.59
O17 UNH F . 19.82 -9.32 3.05
N18 UNH F . 20.69 -11.28 3.72
C19 UNH F . 19.56 -12.06 3.23
C20 UNH F . 19.94 -13.53 3.09
C21 UNH F . 21.12 -13.85 2.17
C22 UNH F . 21.19 -15.34 1.96
C23 UNH F . 20.94 -13.16 0.84
C24 UNH F . 18.39 -11.89 4.20
O25 UNH F . 18.51 -12.20 5.38
N26 UNH F . 17.29 -11.35 3.69
C27 UNH F . 16.10 -11.11 4.48
C28 UNH F . 15.73 -9.62 4.46
C29 UNH F . 16.43 -8.81 5.55
C30 UNH F . 17.20 -7.73 4.90
O31 UNH F . 15.54 -13.42 3.98
C32 UNH F . 15.00 -12.13 4.18
O33 UNH F . 13.25 -11.25 5.55
N34 UNH F . 14.17 -13.17 6.21
C35 UNH F . 13.26 -13.40 7.32
C36 UNH F . 13.72 -12.74 8.60
O37 UNH F . 14.70 -11.99 8.63
C38 UNH F . 14.07 -12.15 5.38
N39 UNH F . 12.98 -13.03 9.66
C40 UNH F . 13.27 -12.50 10.98
C41 UNH F . 12.47 -11.28 11.33
C42 UNH F . 11.14 -11.16 10.91
C43 UNH F . 10.39 -10.06 11.27
C44 UNH F . 10.95 -9.06 12.06
C45 UNH F . 12.27 -9.17 12.48
C46 UNH F . 13.02 -10.28 12.12
C47 UNH F . 12.91 -13.58 12.01
O48 UNH F . 11.94 -14.32 11.83
N49 UNH F . 13.70 -13.65 13.07
ZN ZN G . 5.53 7.99 -4.68
#